data_2MSQ
#
_entry.id   2MSQ
#
_entity_poly.entity_id   1
_entity_poly.type   'polypeptide(L)'
_entity_poly.pdbx_seq_one_letter_code
;SCGGSCFGGCW(HYP)GCSCYARTCFRDGLP
;
_entity_poly.pdbx_strand_id   A
#
# COMPACT_ATOMS: atom_id res chain seq x y z
N SER A 1 7.45 0.51 -0.76
CA SER A 1 7.59 1.09 -2.10
C SER A 1 6.43 0.67 -2.99
N CYS A 2 5.22 1.14 -2.65
CA CYS A 2 4.03 0.81 -3.41
C CYS A 2 3.23 2.07 -3.73
N GLY A 3 2.81 2.21 -4.98
CA GLY A 3 2.04 3.37 -5.38
C GLY A 3 0.55 3.18 -5.14
N GLY A 4 -0.25 3.52 -6.15
CA GLY A 4 -1.68 3.38 -6.03
C GLY A 4 -2.26 4.25 -4.92
N SER A 5 -3.58 4.18 -4.74
CA SER A 5 -4.24 4.97 -3.71
C SER A 5 -5.06 4.06 -2.78
N CYS A 6 -5.25 4.51 -1.54
CA CYS A 6 -6.01 3.75 -0.57
C CYS A 6 -7.51 3.84 -0.85
N PHE A 7 -7.91 4.89 -1.57
CA PHE A 7 -9.30 5.09 -1.92
C PHE A 7 -9.72 4.17 -3.06
N GLY A 8 -8.73 3.63 -3.77
CA GLY A 8 -9.02 2.73 -4.87
C GLY A 8 -8.19 1.46 -4.83
N GLY A 9 -7.73 1.10 -3.63
CA GLY A 9 -6.93 -0.09 -3.47
C GLY A 9 -5.45 0.17 -3.68
N CYS A 10 -4.62 -0.40 -2.81
CA CYS A 10 -3.18 -0.22 -2.90
C CYS A 10 -2.61 -1.01 -4.07
N TRP A 11 -1.33 -0.78 -4.36
CA TRP A 11 -0.66 -1.46 -5.46
C TRP A 11 -0.77 -2.98 -5.30
N GLY A 13 0.08 -6.54 -4.46
CA GLY A 13 0.97 -7.19 -3.52
C GLY A 13 1.26 -6.33 -2.30
N CYS A 14 0.40 -5.35 -2.06
CA CYS A 14 0.57 -4.45 -0.92
C CYS A 14 -0.74 -4.29 -0.16
N SER A 15 -0.73 -3.42 0.85
CA SER A 15 -1.91 -3.18 1.67
C SER A 15 -2.01 -1.71 2.06
N CYS A 16 -3.19 -1.31 2.53
CA CYS A 16 -3.42 0.08 2.94
C CYS A 16 -3.18 0.25 4.43
N TYR A 17 -1.98 0.69 4.80
CA TYR A 17 -1.63 0.89 6.19
C TYR A 17 -1.18 2.33 6.43
N ALA A 18 -1.78 2.97 7.43
CA ALA A 18 -1.44 4.35 7.77
C ALA A 18 -1.79 5.30 6.63
N ARG A 19 -2.96 5.11 6.04
CA ARG A 19 -3.41 5.95 4.94
C ARG A 19 -2.40 5.93 3.80
N THR A 20 -1.58 4.88 3.76
CA THR A 20 -0.56 4.75 2.72
C THR A 20 -0.27 3.29 2.43
N CYS A 21 0.39 3.02 1.31
CA CYS A 21 0.73 1.67 0.92
C CYS A 21 2.13 1.30 1.41
N PHE A 22 2.21 0.24 2.21
CA PHE A 22 3.48 -0.22 2.75
C PHE A 22 3.38 -1.68 3.21
N ARG A 23 4.45 -2.44 2.96
CA ARG A 23 4.48 -3.84 3.35
C ARG A 23 5.91 -4.35 3.43
N ASP A 24 6.17 -5.26 4.37
CA ASP A 24 7.50 -5.82 4.54
C ASP A 24 8.05 -6.34 3.22
N GLY A 25 9.28 -5.96 2.91
CA GLY A 25 9.90 -6.39 1.66
C GLY A 25 9.66 -5.42 0.52
N LEU A 26 8.60 -4.63 0.64
CA LEU A 26 8.25 -3.66 -0.39
C LEU A 26 7.89 -2.31 0.24
N PRO A 27 8.90 -1.57 0.69
CA PRO A 27 8.70 -0.25 1.31
C PRO A 27 8.24 0.80 0.30
N SER A 1 7.13 -0.01 -0.54
CA SER A 1 7.19 0.57 -1.89
C SER A 1 6.05 0.05 -2.75
N CYS A 2 4.95 0.79 -2.77
CA CYS A 2 3.79 0.41 -3.56
C CYS A 2 2.88 1.62 -3.82
N GLY A 3 2.38 1.73 -5.04
CA GLY A 3 1.51 2.84 -5.38
C GLY A 3 0.05 2.57 -5.05
N GLY A 4 -0.85 3.07 -5.87
CA GLY A 4 -2.27 2.87 -5.65
C GLY A 4 -2.79 3.71 -4.50
N SER A 5 -4.09 3.99 -4.51
CA SER A 5 -4.72 4.79 -3.47
C SER A 5 -5.33 3.90 -2.40
N CYS A 6 -5.43 4.43 -1.18
CA CYS A 6 -6.00 3.69 -0.07
C CYS A 6 -7.52 3.77 -0.08
N PHE A 7 -8.05 4.79 -0.74
CA PHE A 7 -9.49 4.98 -0.82
C PHE A 7 -10.11 4.01 -1.83
N GLY A 8 -9.27 3.43 -2.68
CA GLY A 8 -9.75 2.49 -3.67
C GLY A 8 -8.90 1.23 -3.73
N GLY A 9 -8.20 0.94 -2.64
CA GLY A 9 -7.36 -0.25 -2.59
C GLY A 9 -5.95 0.02 -3.07
N CYS A 10 -4.96 -0.42 -2.30
CA CYS A 10 -3.56 -0.22 -2.65
C CYS A 10 -3.21 -0.96 -3.93
N TRP A 11 -1.98 -0.81 -4.39
CA TRP A 11 -1.51 -1.47 -5.60
C TRP A 11 -1.81 -2.96 -5.56
N GLY A 13 -1.39 -6.65 -5.09
CA GLY A 13 -0.50 -7.50 -4.32
C GLY A 13 0.05 -6.79 -3.10
N CYS A 14 -0.53 -5.64 -2.76
CA CYS A 14 -0.08 -4.87 -1.62
C CYS A 14 -1.24 -4.60 -0.65
N SER A 15 -0.97 -3.83 0.39
CA SER A 15 -1.98 -3.49 1.38
C SER A 15 -1.84 -2.04 1.85
N CYS A 16 -2.87 -1.54 2.52
CA CYS A 16 -2.87 -0.17 3.01
C CYS A 16 -2.53 -0.13 4.50
N TYR A 17 -1.77 0.88 4.90
CA TYR A 17 -1.37 1.03 6.29
C TYR A 17 -0.95 2.47 6.59
N ALA A 18 -1.54 3.05 7.63
CA ALA A 18 -1.24 4.42 8.01
C ALA A 18 -1.36 5.37 6.83
N ARG A 19 -2.50 5.31 6.15
CA ARG A 19 -2.75 6.17 5.00
C ARG A 19 -1.69 5.94 3.92
N THR A 20 -1.01 4.81 3.99
CA THR A 20 0.03 4.49 3.03
C THR A 20 -0.13 3.07 2.49
N CYS A 21 0.87 2.59 1.77
CA CYS A 21 0.84 1.24 1.21
C CYS A 21 2.05 0.43 1.68
N PHE A 22 2.07 -0.85 1.31
CA PHE A 22 3.16 -1.74 1.70
C PHE A 22 3.20 -2.97 0.79
N ARG A 23 4.41 -3.44 0.50
CA ARG A 23 4.59 -4.60 -0.35
C ARG A 23 5.29 -5.73 0.41
N ASP A 24 5.03 -5.80 1.71
CA ASP A 24 5.64 -6.83 2.55
C ASP A 24 7.14 -6.65 2.65
N GLY A 25 7.66 -6.71 3.88
CA GLY A 25 9.08 -6.53 4.09
C GLY A 25 9.48 -5.07 4.24
N LEU A 26 9.05 -4.25 3.28
CA LEU A 26 9.36 -2.83 3.32
C LEU A 26 8.40 -2.04 2.43
N PRO A 27 8.30 -0.73 2.68
CA PRO A 27 7.41 0.16 1.92
C PRO A 27 7.90 0.37 0.50
N SER A 1 7.57 -0.42 -0.50
CA SER A 1 7.79 -0.25 -1.93
C SER A 1 6.54 -0.66 -2.71
N CYS A 2 5.51 0.17 -2.63
CA CYS A 2 4.26 -0.10 -3.34
C CYS A 2 3.45 1.18 -3.52
N GLY A 3 2.72 1.26 -4.63
CA GLY A 3 1.91 2.44 -4.90
C GLY A 3 0.43 2.17 -4.76
N GLY A 4 -0.38 2.88 -5.54
CA GLY A 4 -1.82 2.70 -5.48
C GLY A 4 -2.46 3.54 -4.40
N SER A 5 -3.75 3.84 -4.56
CA SER A 5 -4.48 4.64 -3.59
C SER A 5 -5.15 3.76 -2.54
N CYS A 6 -5.39 4.33 -1.37
CA CYS A 6 -6.03 3.60 -0.28
C CYS A 6 -7.55 3.73 -0.34
N PHE A 7 -8.02 4.77 -1.03
CA PHE A 7 -9.45 5.00 -1.17
C PHE A 7 -10.07 4.01 -2.16
N GLY A 8 -9.23 3.39 -2.97
CA GLY A 8 -9.70 2.44 -3.96
C GLY A 8 -8.90 1.15 -3.96
N GLY A 9 -8.24 0.86 -2.84
CA GLY A 9 -7.43 -0.34 -2.74
C GLY A 9 -5.99 -0.11 -3.17
N CYS A 10 -5.05 -0.56 -2.35
CA CYS A 10 -3.63 -0.41 -2.65
C CYS A 10 -3.25 -1.19 -3.91
N TRP A 11 -2.00 -1.06 -4.32
CA TRP A 11 -1.51 -1.76 -5.51
C TRP A 11 -1.83 -3.25 -5.44
N GLY A 13 -1.46 -6.92 -4.88
CA GLY A 13 -0.60 -7.76 -4.05
C GLY A 13 -0.05 -7.03 -2.85
N CYS A 14 -0.64 -5.88 -2.55
CA CYS A 14 -0.20 -5.07 -1.41
C CYS A 14 -1.37 -4.78 -0.47
N SER A 15 -1.10 -3.98 0.57
CA SER A 15 -2.13 -3.62 1.54
C SER A 15 -2.00 -2.16 1.94
N CYS A 16 -3.03 -1.64 2.61
CA CYS A 16 -3.03 -0.25 3.06
C CYS A 16 -2.70 -0.17 4.54
N TYR A 17 -1.94 0.87 4.91
CA TYR A 17 -1.56 1.06 6.30
C TYR A 17 -1.12 2.51 6.56
N ALA A 18 -1.72 3.13 7.57
CA ALA A 18 -1.41 4.51 7.91
C ALA A 18 -1.54 5.42 6.69
N ARG A 19 -2.68 5.32 6.00
CA ARG A 19 -2.92 6.15 4.82
C ARG A 19 -1.85 5.90 3.76
N THR A 20 -1.17 4.77 3.87
CA THR A 20 -0.12 4.41 2.91
C THR A 20 -0.27 2.97 2.44
N CYS A 21 0.75 2.48 1.72
CA CYS A 21 0.72 1.12 1.21
C CYS A 21 1.94 0.34 1.70
N PHE A 22 1.98 -0.95 1.38
CA PHE A 22 3.09 -1.81 1.78
C PHE A 22 3.15 -3.06 0.91
N ARG A 23 4.36 -3.51 0.62
CA ARG A 23 4.56 -4.69 -0.20
C ARG A 23 5.32 -5.77 0.58
N ASP A 24 5.12 -5.79 1.89
CA ASP A 24 5.79 -6.77 2.75
C ASP A 24 7.30 -6.54 2.77
N GLY A 25 7.86 -6.48 3.96
CA GLY A 25 9.29 -6.26 4.10
C GLY A 25 9.65 -4.79 4.17
N LEU A 26 9.16 -4.01 3.22
CA LEU A 26 9.43 -2.58 3.18
C LEU A 26 8.41 -1.85 2.30
N PRO A 27 8.20 -0.55 2.59
CA PRO A 27 7.26 0.28 1.86
C PRO A 27 7.72 0.56 0.43
N SER A 1 6.84 -0.41 -1.25
CA SER A 1 7.12 -0.50 -2.68
C SER A 1 5.85 -0.78 -3.47
N CYS A 2 4.71 -0.44 -2.89
CA CYS A 2 3.42 -0.66 -3.53
C CYS A 2 2.74 0.67 -3.87
N GLY A 3 2.51 0.89 -5.15
CA GLY A 3 1.86 2.12 -5.58
C GLY A 3 0.42 2.22 -5.14
N GLY A 4 -0.45 2.70 -6.02
CA GLY A 4 -1.85 2.83 -5.67
C GLY A 4 -2.08 3.71 -4.46
N SER A 5 -3.34 3.98 -4.14
CA SER A 5 -3.69 4.82 -3.00
C SER A 5 -4.68 4.09 -2.09
N CYS A 6 -4.64 4.45 -0.80
CA CYS A 6 -5.53 3.83 0.19
C CYS A 6 -6.97 4.32 -0.01
N PHE A 7 -7.11 5.48 -0.63
CA PHE A 7 -8.42 6.06 -0.87
C PHE A 7 -9.11 5.37 -2.06
N GLY A 8 -8.33 4.66 -2.85
CA GLY A 8 -8.87 3.97 -4.01
C GLY A 8 -8.36 2.54 -4.12
N GLY A 9 -7.88 2.00 -3.01
CA GLY A 9 -7.37 0.64 -3.01
C GLY A 9 -5.89 0.58 -3.31
N CYS A 10 -5.16 -0.23 -2.54
CA CYS A 10 -3.72 -0.38 -2.73
C CYS A 10 -3.42 -1.19 -3.98
N TRP A 11 -2.14 -1.26 -4.33
CA TRP A 11 -1.71 -2.01 -5.51
C TRP A 11 -2.16 -3.46 -5.42
N GLY A 13 -2.13 -7.16 -4.82
CA GLY A 13 -1.38 -8.06 -3.97
C GLY A 13 -0.81 -7.37 -2.75
N CYS A 14 -1.20 -6.12 -2.54
CA CYS A 14 -0.72 -5.35 -1.41
C CYS A 14 -1.84 -5.11 -0.39
N SER A 15 -1.59 -4.23 0.57
CA SER A 15 -2.57 -3.92 1.60
C SER A 15 -2.45 -2.47 2.04
N CYS A 16 -3.53 -1.95 2.63
CA CYS A 16 -3.54 -0.57 3.11
C CYS A 16 -3.18 -0.50 4.59
N TYR A 17 -2.33 0.46 4.94
CA TYR A 17 -1.90 0.63 6.32
C TYR A 17 -1.33 2.03 6.54
N ALA A 18 -1.84 2.71 7.56
CA ALA A 18 -1.38 4.05 7.89
C ALA A 18 -1.59 5.01 6.72
N ARG A 19 -2.79 4.96 6.14
CA ARG A 19 -3.12 5.81 5.00
C ARG A 19 -2.09 5.67 3.89
N THR A 20 -1.41 4.53 3.86
CA THR A 20 -0.40 4.28 2.85
C THR A 20 -0.28 2.79 2.54
N CYS A 21 0.37 2.47 1.42
CA CYS A 21 0.55 1.08 1.02
C CYS A 21 1.88 0.54 1.52
N PHE A 22 1.92 -0.77 1.78
CA PHE A 22 3.12 -1.42 2.27
C PHE A 22 3.07 -2.92 2.01
N ARG A 23 4.22 -3.49 1.66
CA ARG A 23 4.32 -4.92 1.38
C ARG A 23 5.46 -5.56 2.16
N ASP A 24 5.80 -4.96 3.29
CA ASP A 24 6.88 -5.47 4.13
C ASP A 24 8.23 -5.34 3.43
N GLY A 25 9.22 -4.84 4.16
CA GLY A 25 10.55 -4.67 3.59
C GLY A 25 10.73 -3.30 2.96
N LEU A 26 9.80 -2.93 2.09
CA LEU A 26 9.86 -1.64 1.41
C LEU A 26 8.47 -1.08 1.17
N PRO A 27 8.37 0.25 1.09
CA PRO A 27 7.09 0.95 0.85
C PRO A 27 6.57 0.73 -0.57
N SER A 1 7.26 -0.14 -0.91
CA SER A 1 7.51 -0.10 -2.35
C SER A 1 6.26 -0.51 -3.12
N CYS A 2 5.09 -0.13 -2.60
CA CYS A 2 3.83 -0.45 -3.25
C CYS A 2 2.99 0.80 -3.48
N GLY A 3 2.57 1.00 -4.72
CA GLY A 3 1.77 2.17 -5.04
C GLY A 3 0.30 1.96 -4.78
N GLY A 4 -0.55 2.52 -5.62
CA GLY A 4 -1.98 2.37 -5.45
C GLY A 4 -2.55 3.34 -4.42
N SER A 5 -3.79 3.77 -4.63
CA SER A 5 -4.43 4.70 -3.72
C SER A 5 -5.24 3.96 -2.66
N CYS A 6 -5.14 4.41 -1.42
CA CYS A 6 -5.87 3.79 -0.32
C CYS A 6 -7.37 4.04 -0.44
N PHE A 7 -7.73 5.10 -1.16
CA PHE A 7 -9.14 5.43 -1.35
C PHE A 7 -9.76 4.57 -2.44
N GLY A 8 -8.92 3.94 -3.24
CA GLY A 8 -9.41 3.09 -4.31
C GLY A 8 -8.71 1.75 -4.35
N GLY A 9 -8.18 1.32 -3.21
CA GLY A 9 -7.49 0.04 -3.13
C GLY A 9 -6.01 0.18 -3.42
N CYS A 10 -5.19 -0.46 -2.59
CA CYS A 10 -3.74 -0.41 -2.75
C CYS A 10 -3.30 -1.21 -3.97
N TRP A 11 -2.02 -1.15 -4.28
CA TRP A 11 -1.47 -1.87 -5.43
C TRP A 11 -1.87 -3.34 -5.39
N GLY A 13 -1.76 -7.03 -4.84
CA GLY A 13 -1.02 -7.92 -3.95
C GLY A 13 -0.54 -7.23 -2.70
N CYS A 14 -1.10 -6.05 -2.42
CA CYS A 14 -0.71 -5.29 -1.24
C CYS A 14 -1.95 -4.92 -0.41
N SER A 15 -1.72 -4.14 0.65
CA SER A 15 -2.81 -3.72 1.53
C SER A 15 -2.59 -2.29 2.01
N CYS A 16 -3.67 -1.66 2.48
CA CYS A 16 -3.60 -0.30 2.97
C CYS A 16 -3.48 -0.26 4.49
N TYR A 17 -2.34 0.23 4.97
CA TYR A 17 -2.09 0.30 6.41
C TYR A 17 -1.46 1.65 6.77
N ALA A 18 -2.01 2.30 7.79
CA ALA A 18 -1.50 3.58 8.24
C ALA A 18 -1.68 4.65 7.17
N ARG A 19 -2.87 4.71 6.58
CA ARG A 19 -3.17 5.68 5.54
C ARG A 19 -2.14 5.62 4.43
N THR A 20 -1.49 4.47 4.29
CA THR A 20 -0.46 4.28 3.26
C THR A 20 -0.38 2.82 2.84
N CYS A 21 0.27 2.59 1.70
CA CYS A 21 0.42 1.23 1.17
C CYS A 21 1.75 0.62 1.61
N PHE A 22 1.83 -0.71 1.57
CA PHE A 22 3.05 -1.41 1.96
C PHE A 22 3.08 -2.81 1.35
N ARG A 23 4.28 -3.24 0.97
CA ARG A 23 4.45 -4.57 0.37
C ARG A 23 5.37 -5.43 1.22
N ASP A 24 5.48 -5.10 2.51
CA ASP A 24 6.32 -5.85 3.43
C ASP A 24 7.80 -5.69 3.06
N GLY A 25 8.61 -5.32 4.04
CA GLY A 25 10.04 -5.15 3.79
C GLY A 25 10.38 -3.74 3.36
N LEU A 26 9.60 -3.19 2.43
CA LEU A 26 9.83 -1.84 1.94
C LEU A 26 8.52 -1.17 1.58
N PRO A 27 8.50 0.17 1.65
CA PRO A 27 7.30 0.97 1.34
C PRO A 27 6.97 0.95 -0.14
N SER A 1 7.31 -0.25 -1.15
CA SER A 1 7.53 -0.25 -2.59
C SER A 1 6.26 -0.65 -3.33
N CYS A 2 5.11 -0.22 -2.80
CA CYS A 2 3.82 -0.53 -3.41
C CYS A 2 3.01 0.74 -3.63
N GLY A 3 2.57 0.93 -4.87
CA GLY A 3 1.79 2.11 -5.21
C GLY A 3 0.32 1.94 -4.89
N GLY A 4 -0.54 2.52 -5.73
CA GLY A 4 -1.97 2.41 -5.52
C GLY A 4 -2.48 3.40 -4.49
N SER A 5 -3.71 3.88 -4.68
CA SER A 5 -4.31 4.84 -3.77
C SER A 5 -5.12 4.13 -2.68
N CYS A 6 -4.98 4.61 -1.44
CA CYS A 6 -5.69 4.02 -0.32
C CYS A 6 -7.19 4.30 -0.41
N PHE A 7 -7.54 5.36 -1.14
CA PHE A 7 -8.93 5.74 -1.31
C PHE A 7 -9.61 4.87 -2.37
N GLY A 8 -8.80 4.20 -3.18
CA GLY A 8 -9.33 3.35 -4.22
C GLY A 8 -8.67 1.98 -4.25
N GLY A 9 -8.13 1.56 -3.12
CA GLY A 9 -7.47 0.28 -3.03
C GLY A 9 -5.99 0.36 -3.36
N CYS A 10 -5.17 -0.29 -2.53
CA CYS A 10 -3.73 -0.28 -2.73
C CYS A 10 -3.34 -1.11 -3.95
N TRP A 11 -2.06 -1.10 -4.29
CA TRP A 11 -1.56 -1.85 -5.43
C TRP A 11 -2.00 -3.31 -5.36
N GLY A 13 -1.97 -6.99 -4.74
CA GLY A 13 -1.23 -7.88 -3.85
C GLY A 13 -0.71 -7.18 -2.63
N CYS A 14 -1.23 -5.98 -2.36
CA CYS A 14 -0.80 -5.20 -1.20
C CYS A 14 -1.99 -4.79 -0.35
N SER A 15 -1.73 -4.01 0.69
CA SER A 15 -2.78 -3.54 1.58
C SER A 15 -2.53 -2.11 2.03
N CYS A 16 -3.57 -1.44 2.51
CA CYS A 16 -3.45 -0.07 2.98
C CYS A 16 -3.29 -0.02 4.49
N TYR A 17 -2.13 0.46 4.94
CA TYR A 17 -1.86 0.56 6.37
C TYR A 17 -1.17 1.89 6.70
N ALA A 18 -1.69 2.58 7.71
CA ALA A 18 -1.13 3.86 8.13
C ALA A 18 -1.31 4.91 7.04
N ARG A 19 -2.51 4.98 6.48
CA ARG A 19 -2.81 5.95 5.43
C ARG A 19 -1.80 5.84 4.28
N THR A 20 -1.18 4.67 4.16
CA THR A 20 -0.19 4.44 3.12
C THR A 20 -0.16 2.97 2.72
N CYS A 21 0.46 2.68 1.57
CA CYS A 21 0.57 1.32 1.07
C CYS A 21 1.88 0.69 1.49
N PHE A 22 1.93 -0.64 1.46
CA PHE A 22 3.13 -1.37 1.84
C PHE A 22 3.13 -2.78 1.25
N ARG A 23 4.30 -3.25 0.85
CA ARG A 23 4.43 -4.59 0.27
C ARG A 23 5.34 -5.46 1.12
N ASP A 24 5.48 -5.12 2.39
CA ASP A 24 6.33 -5.87 3.31
C ASP A 24 7.80 -5.76 2.90
N GLY A 25 8.65 -5.39 3.85
CA GLY A 25 10.06 -5.26 3.58
C GLY A 25 10.43 -3.87 3.11
N LEU A 26 9.65 -3.32 2.19
CA LEU A 26 9.90 -1.98 1.67
C LEU A 26 8.60 -1.27 1.33
N PRO A 27 8.62 0.06 1.37
CA PRO A 27 7.44 0.88 1.07
C PRO A 27 7.07 0.85 -0.40
N SER A 1 7.41 0.83 -1.44
CA SER A 1 7.29 1.34 -2.81
C SER A 1 5.98 0.90 -3.44
N CYS A 2 4.99 0.65 -2.61
CA CYS A 2 3.67 0.22 -3.09
C CYS A 2 2.85 1.41 -3.56
N GLY A 3 2.70 1.53 -4.87
CA GLY A 3 1.93 2.64 -5.44
C GLY A 3 0.46 2.54 -5.12
N GLY A 4 -0.38 2.85 -6.10
CA GLY A 4 -1.82 2.79 -5.89
C GLY A 4 -2.29 3.70 -4.79
N SER A 5 -3.60 3.84 -4.65
CA SER A 5 -4.18 4.70 -3.62
C SER A 5 -5.04 3.89 -2.67
N CYS A 6 -5.12 4.34 -1.42
CA CYS A 6 -5.92 3.65 -0.41
C CYS A 6 -7.41 3.82 -0.70
N PHE A 7 -7.76 4.85 -1.44
CA PHE A 7 -9.15 5.11 -1.79
C PHE A 7 -9.60 4.23 -2.94
N GLY A 8 -8.63 3.66 -3.66
CA GLY A 8 -8.95 2.80 -4.79
C GLY A 8 -8.17 1.49 -4.75
N GLY A 9 -7.73 1.10 -3.56
CA GLY A 9 -6.98 -0.14 -3.42
C GLY A 9 -5.49 0.08 -3.57
N CYS A 10 -4.72 -0.54 -2.68
CA CYS A 10 -3.26 -0.41 -2.72
C CYS A 10 -2.67 -1.24 -3.86
N TRP A 11 -1.38 -1.09 -4.08
CA TRP A 11 -0.69 -1.83 -5.13
C TRP A 11 -0.96 -3.32 -5.02
N GLY A 13 -0.54 -6.95 -4.22
CA GLY A 13 0.21 -7.70 -3.25
C GLY A 13 0.56 -6.89 -2.02
N CYS A 14 0.03 -5.67 -1.95
CA CYS A 14 0.29 -4.79 -0.82
C CYS A 14 -0.97 -4.63 0.04
N SER A 15 -0.91 -3.68 0.98
CA SER A 15 -2.04 -3.42 1.87
C SER A 15 -2.09 -1.95 2.26
N CYS A 16 -3.26 -1.50 2.68
CA CYS A 16 -3.45 -0.11 3.10
C CYS A 16 -3.31 0.03 4.61
N TYR A 17 -2.11 0.35 5.06
CA TYR A 17 -1.84 0.52 6.49
C TYR A 17 -1.41 1.95 6.79
N ALA A 18 -2.04 2.55 7.79
CA ALA A 18 -1.73 3.92 8.19
C ALA A 18 -1.93 4.89 7.02
N ARG A 19 -3.09 4.81 6.38
CA ARG A 19 -3.41 5.68 5.27
C ARG A 19 -2.28 5.67 4.23
N THR A 20 -1.58 4.53 4.14
CA THR A 20 -0.49 4.39 3.20
C THR A 20 -0.36 2.95 2.70
N CYS A 21 0.39 2.76 1.63
CA CYS A 21 0.59 1.43 1.06
C CYS A 21 1.95 0.87 1.46
N PHE A 22 1.94 -0.40 1.89
CA PHE A 22 3.17 -1.06 2.30
C PHE A 22 3.01 -2.58 2.25
N ARG A 23 4.10 -3.27 1.92
CA ARG A 23 4.08 -4.73 1.82
C ARG A 23 5.27 -5.33 2.54
N ASP A 24 5.87 -4.55 3.45
CA ASP A 24 7.02 -5.02 4.22
C ASP A 24 8.22 -5.26 3.30
N GLY A 25 9.30 -4.53 3.54
CA GLY A 25 10.50 -4.69 2.73
C GLY A 25 10.49 -3.78 1.51
N LEU A 26 9.34 -3.68 0.87
CA LEU A 26 9.20 -2.84 -0.33
C LEU A 26 8.34 -1.62 -0.03
N PRO A 27 8.98 -0.57 0.53
CA PRO A 27 8.29 0.69 0.86
C PRO A 27 7.87 1.47 -0.37
N SER A 1 7.38 -0.14 -0.23
CA SER A 1 7.64 0.12 -1.64
C SER A 1 6.46 -0.34 -2.51
N CYS A 2 5.32 0.31 -2.35
CA CYS A 2 4.13 -0.03 -3.12
C CYS A 2 3.28 1.21 -3.37
N GLY A 3 2.73 1.30 -4.58
CA GLY A 3 1.90 2.44 -4.94
C GLY A 3 0.42 2.18 -4.69
N GLY A 4 -0.42 2.76 -5.54
CA GLY A 4 -1.86 2.58 -5.38
C GLY A 4 -2.45 3.46 -4.30
N SER A 5 -3.72 3.80 -4.44
CA SER A 5 -4.40 4.65 -3.46
C SER A 5 -5.10 3.80 -2.40
N CYS A 6 -5.30 4.39 -1.23
CA CYS A 6 -5.96 3.69 -0.12
C CYS A 6 -7.47 3.87 -0.21
N PHE A 7 -7.91 4.92 -0.89
CA PHE A 7 -9.33 5.20 -1.05
C PHE A 7 -9.99 4.23 -2.02
N GLY A 8 -9.16 3.56 -2.82
CA GLY A 8 -9.67 2.60 -3.79
C GLY A 8 -8.91 1.30 -3.78
N GLY A 9 -8.25 1.01 -2.66
CA GLY A 9 -7.49 -0.22 -2.55
C GLY A 9 -6.05 -0.04 -2.99
N CYS A 10 -5.12 -0.50 -2.15
CA CYS A 10 -3.69 -0.39 -2.45
C CYS A 10 -3.35 -1.21 -3.71
N TRP A 11 -2.10 -1.09 -4.15
CA TRP A 11 -1.63 -1.80 -5.32
C TRP A 11 -1.95 -3.29 -5.22
N GLY A 13 -1.59 -6.95 -4.62
CA GLY A 13 -0.73 -7.79 -3.80
C GLY A 13 -0.16 -7.03 -2.62
N CYS A 14 -0.72 -5.86 -2.32
CA CYS A 14 -0.26 -5.05 -1.21
C CYS A 14 -1.40 -4.75 -0.24
N SER A 15 -1.11 -3.94 0.78
CA SER A 15 -2.10 -3.58 1.78
C SER A 15 -1.97 -2.11 2.17
N CYS A 16 -3.00 -1.58 2.82
CA CYS A 16 -3.00 -0.20 3.26
C CYS A 16 -2.68 -0.09 4.74
N TYR A 17 -1.89 0.92 5.10
CA TYR A 17 -1.50 1.13 6.49
C TYR A 17 -1.02 2.56 6.72
N ALA A 18 -1.60 3.22 7.71
CA ALA A 18 -1.23 4.60 8.03
C ALA A 18 -1.39 5.50 6.82
N ARG A 19 -2.54 5.42 6.16
CA ARG A 19 -2.82 6.23 4.99
C ARG A 19 -1.79 5.97 3.89
N THR A 20 -1.10 4.84 3.99
CA THR A 20 -0.08 4.47 3.01
C THR A 20 -0.24 3.03 2.56
N CYS A 21 0.74 2.53 1.82
CA CYS A 21 0.72 1.15 1.33
C CYS A 21 1.96 0.39 1.79
N PHE A 22 1.99 -0.90 1.48
CA PHE A 22 3.12 -1.75 1.86
C PHE A 22 3.17 -3.01 1.00
N ARG A 23 4.38 -3.43 0.66
CA ARG A 23 4.57 -4.62 -0.17
C ARG A 23 5.39 -5.68 0.57
N ASP A 24 5.38 -5.59 1.91
CA ASP A 24 6.12 -6.54 2.73
C ASP A 24 7.62 -6.38 2.52
N GLY A 25 8.36 -6.22 3.62
CA GLY A 25 9.79 -6.06 3.53
C GLY A 25 10.21 -4.61 3.38
N LEU A 26 9.52 -3.88 2.51
CA LEU A 26 9.82 -2.47 2.28
C LEU A 26 8.55 -1.67 2.04
N PRO A 27 8.60 -0.37 2.36
CA PRO A 27 7.46 0.53 2.19
C PRO A 27 7.15 0.80 0.72
N SER A 1 7.70 -0.07 -1.34
CA SER A 1 7.59 0.24 -2.76
C SER A 1 6.28 -0.29 -3.33
N CYS A 2 5.26 0.55 -3.29
CA CYS A 2 3.94 0.17 -3.80
C CYS A 2 3.09 1.40 -4.08
N GLY A 3 2.39 1.39 -5.21
CA GLY A 3 1.55 2.51 -5.58
C GLY A 3 0.11 2.32 -5.15
N GLY A 4 -0.82 2.81 -5.96
CA GLY A 4 -2.23 2.67 -5.64
C GLY A 4 -2.64 3.56 -4.47
N SER A 5 -3.89 4.01 -4.49
CA SER A 5 -4.40 4.87 -3.43
C SER A 5 -5.18 4.06 -2.40
N CYS A 6 -5.18 4.52 -1.16
CA CYS A 6 -5.90 3.84 -0.09
C CYS A 6 -7.41 4.02 -0.23
N PHE A 7 -7.80 5.07 -0.93
CA PHE A 7 -9.21 5.36 -1.14
C PHE A 7 -9.79 4.49 -2.27
N GLY A 8 -8.89 3.93 -3.07
CA GLY A 8 -9.32 3.08 -4.18
C GLY A 8 -8.57 1.77 -4.23
N GLY A 9 -8.00 1.38 -3.09
CA GLY A 9 -7.25 0.13 -3.03
C GLY A 9 -5.79 0.32 -3.38
N CYS A 10 -4.91 -0.31 -2.58
CA CYS A 10 -3.48 -0.21 -2.80
C CYS A 10 -3.05 -1.05 -4.01
N TRP A 11 -1.79 -0.91 -4.40
CA TRP A 11 -1.26 -1.65 -5.54
C TRP A 11 -1.52 -3.14 -5.39
N GLY A 13 -1.05 -6.82 -4.66
CA GLY A 13 -0.21 -7.59 -3.77
C GLY A 13 0.21 -6.81 -2.54
N CYS A 14 -0.43 -5.66 -2.32
CA CYS A 14 -0.13 -4.82 -1.18
C CYS A 14 -1.38 -4.55 -0.35
N SER A 15 -1.24 -3.71 0.67
CA SER A 15 -2.37 -3.37 1.54
C SER A 15 -2.26 -1.92 2.01
N CYS A 16 -3.33 -1.44 2.64
CA CYS A 16 -3.38 -0.07 3.14
C CYS A 16 -3.08 -0.03 4.63
N TYR A 17 -2.13 0.82 5.01
CA TYR A 17 -1.75 0.95 6.42
C TYR A 17 -1.02 2.28 6.66
N ALA A 18 -1.51 3.04 7.63
CA ALA A 18 -0.89 4.32 7.97
C ALA A 18 -1.01 5.30 6.80
N ARG A 19 -2.19 5.36 6.19
CA ARG A 19 -2.43 6.26 5.06
C ARG A 19 -1.41 6.01 3.95
N THR A 20 -0.81 4.82 3.95
CA THR A 20 0.18 4.46 2.95
C THR A 20 0.17 2.96 2.67
N CYS A 21 0.80 2.56 1.57
CA CYS A 21 0.86 1.16 1.19
C CYS A 21 2.15 0.52 1.72
N PHE A 22 2.05 -0.75 2.10
CA PHE A 22 3.20 -1.48 2.61
C PHE A 22 3.01 -2.99 2.46
N ARG A 23 4.09 -3.68 2.13
CA ARG A 23 4.04 -5.13 1.95
C ARG A 23 5.19 -5.81 2.68
N ASP A 24 5.63 -5.21 3.78
CA ASP A 24 6.72 -5.75 4.58
C ASP A 24 8.03 -5.72 3.79
N GLY A 25 9.12 -5.42 4.48
CA GLY A 25 10.42 -5.37 3.83
C GLY A 25 10.72 -3.99 3.25
N LEU A 26 9.75 -3.44 2.52
CA LEU A 26 9.92 -2.12 1.91
C LEU A 26 8.56 -1.52 1.56
N PRO A 27 8.55 -0.18 1.39
CA PRO A 27 7.32 0.55 1.06
C PRO A 27 6.85 0.27 -0.37
N SER A 1 7.70 -0.08 -1.03
CA SER A 1 7.75 0.32 -2.42
C SER A 1 6.51 -0.15 -3.17
N CYS A 2 5.46 0.66 -3.15
CA CYS A 2 4.21 0.33 -3.82
C CYS A 2 3.36 1.58 -4.04
N GLY A 3 2.58 1.58 -5.12
CA GLY A 3 1.74 2.72 -5.42
C GLY A 3 0.28 2.45 -5.12
N GLY A 4 -0.60 3.04 -5.91
CA GLY A 4 -2.04 2.85 -5.72
C GLY A 4 -2.58 3.69 -4.57
N SER A 5 -3.88 3.98 -4.62
CA SER A 5 -4.51 4.78 -3.58
C SER A 5 -5.19 3.88 -2.55
N CYS A 6 -5.30 4.38 -1.32
CA CYS A 6 -5.92 3.63 -0.24
C CYS A 6 -7.45 3.70 -0.35
N PHE A 7 -7.94 4.72 -1.03
CA PHE A 7 -9.38 4.89 -1.21
C PHE A 7 -9.92 3.94 -2.26
N GLY A 8 -9.02 3.38 -3.07
CA GLY A 8 -9.42 2.45 -4.11
C GLY A 8 -8.57 1.20 -4.13
N GLY A 9 -7.91 0.92 -3.01
CA GLY A 9 -7.06 -0.25 -2.93
C GLY A 9 -5.62 0.03 -3.35
N CYS A 10 -4.67 -0.45 -2.56
CA CYS A 10 -3.26 -0.24 -2.86
C CYS A 10 -2.85 -0.99 -4.11
N TRP A 11 -1.61 -0.79 -4.55
CA TRP A 11 -1.10 -1.45 -5.74
C TRP A 11 -1.34 -2.96 -5.68
N GLY A 13 -0.80 -6.63 -5.18
CA GLY A 13 0.09 -7.44 -4.35
C GLY A 13 0.56 -6.72 -3.11
N CYS A 14 -0.10 -5.60 -2.79
CA CYS A 14 0.25 -4.81 -1.62
C CYS A 14 -0.96 -4.58 -0.72
N SER A 15 -0.76 -3.80 0.33
CA SER A 15 -1.85 -3.51 1.27
C SER A 15 -1.78 -2.05 1.73
N CYS A 16 -2.86 -1.59 2.34
CA CYS A 16 -2.93 -0.22 2.84
C CYS A 16 -2.62 -0.16 4.33
N TYR A 17 -1.92 0.89 4.74
CA TYR A 17 -1.54 1.06 6.14
C TYR A 17 -1.20 2.52 6.43
N ALA A 18 -1.86 3.09 7.43
CA ALA A 18 -1.60 4.47 7.82
C ALA A 18 -1.72 5.40 6.62
N ARG A 19 -2.81 5.29 5.88
CA ARG A 19 -3.04 6.12 4.71
C ARG A 19 -1.91 5.94 3.70
N THR A 20 -1.21 4.81 3.80
CA THR A 20 -0.11 4.51 2.89
C THR A 20 -0.17 3.09 2.39
N CYS A 21 0.90 2.64 1.73
CA CYS A 21 0.96 1.28 1.21
C CYS A 21 2.17 0.53 1.77
N PHE A 22 1.98 -0.76 2.01
CA PHE A 22 3.05 -1.59 2.57
C PHE A 22 2.78 -3.07 2.30
N ARG A 23 3.84 -3.81 2.00
CA ARG A 23 3.72 -5.24 1.73
C ARG A 23 4.85 -6.02 2.40
N ASP A 24 5.28 -5.55 3.56
CA ASP A 24 6.35 -6.20 4.31
C ASP A 24 7.67 -6.12 3.54
N GLY A 25 8.76 -5.96 4.28
CA GLY A 25 10.08 -5.88 3.65
C GLY A 25 10.43 -4.46 3.23
N LEU A 26 9.51 -3.81 2.53
CA LEU A 26 9.73 -2.45 2.06
C LEU A 26 8.41 -1.77 1.72
N PRO A 27 8.43 -0.43 1.70
CA PRO A 27 7.24 0.37 1.39
C PRO A 27 6.83 0.26 -0.08
N SER A 1 7.48 0.67 -1.59
CA SER A 1 7.36 1.12 -2.96
C SER A 1 6.02 0.69 -3.56
N CYS A 2 5.04 0.47 -2.69
CA CYS A 2 3.71 0.05 -3.13
C CYS A 2 2.85 1.27 -3.49
N GLY A 3 2.63 1.46 -4.78
CA GLY A 3 1.82 2.58 -5.23
C GLY A 3 0.35 2.40 -4.90
N GLY A 4 -0.52 2.82 -5.82
CA GLY A 4 -1.95 2.70 -5.62
C GLY A 4 -2.44 3.56 -4.48
N SER A 5 -3.69 4.01 -4.58
CA SER A 5 -4.28 4.86 -3.55
C SER A 5 -5.11 4.03 -2.57
N CYS A 6 -5.07 4.42 -1.30
CA CYS A 6 -5.82 3.72 -0.26
C CYS A 6 -7.33 3.90 -0.46
N PHE A 7 -7.70 4.98 -1.15
CA PHE A 7 -9.11 5.26 -1.41
C PHE A 7 -9.63 4.44 -2.57
N GLY A 8 -8.70 3.90 -3.36
CA GLY A 8 -9.09 3.10 -4.51
C GLY A 8 -8.31 1.80 -4.59
N GLY A 9 -7.84 1.32 -3.44
CA GLY A 9 -7.07 0.08 -3.41
C GLY A 9 -5.58 0.32 -3.60
N CYS A 10 -4.78 -0.33 -2.77
CA CYS A 10 -3.33 -0.20 -2.84
C CYS A 10 -2.77 -1.00 -4.01
N TRP A 11 -1.46 -0.92 -4.20
CA TRP A 11 -0.80 -1.64 -5.28
C TRP A 11 -1.15 -3.13 -5.24
N GLY A 13 -0.92 -6.81 -4.62
CA GLY A 13 -0.21 -7.66 -3.68
C GLY A 13 0.15 -6.93 -2.40
N CYS A 14 -0.26 -5.67 -2.30
CA CYS A 14 0.03 -4.86 -1.13
C CYS A 14 -1.22 -4.65 -0.29
N SER A 15 -1.14 -3.75 0.68
CA SER A 15 -2.27 -3.45 1.55
C SER A 15 -2.22 -2.00 2.03
N CYS A 16 -3.31 -1.55 2.65
CA CYS A 16 -3.39 -0.19 3.16
C CYS A 16 -3.19 -0.16 4.67
N TYR A 17 -2.00 0.24 5.10
CA TYR A 17 -1.68 0.31 6.51
C TYR A 17 -1.16 1.69 6.89
N ALA A 18 -1.74 2.28 7.93
CA ALA A 18 -1.33 3.60 8.39
C ALA A 18 -1.62 4.66 7.33
N ARG A 19 -2.82 4.62 6.78
CA ARG A 19 -3.22 5.58 5.75
C ARG A 19 -2.19 5.63 4.62
N THR A 20 -1.47 4.52 4.44
CA THR A 20 -0.45 4.44 3.40
C THR A 20 -0.29 3.00 2.91
N CYS A 21 0.37 2.85 1.77
CA CYS A 21 0.60 1.53 1.19
C CYS A 21 1.95 0.97 1.61
N PHE A 22 1.95 -0.26 2.10
CA PHE A 22 3.17 -0.91 2.55
C PHE A 22 3.02 -2.43 2.55
N ARG A 23 4.05 -3.12 2.08
CA ARG A 23 4.03 -4.58 2.03
C ARG A 23 5.22 -5.17 2.78
N ASP A 24 5.83 -4.37 3.65
CA ASP A 24 6.97 -4.81 4.43
C ASP A 24 8.16 -5.13 3.53
N GLY A 25 9.26 -4.41 3.74
CA GLY A 25 10.45 -4.64 2.93
C GLY A 25 10.45 -3.81 1.66
N LEU A 26 9.30 -3.73 1.00
CA LEU A 26 9.18 -2.96 -0.23
C LEU A 26 8.34 -1.70 -0.01
N PRO A 27 8.99 -0.64 0.49
CA PRO A 27 8.32 0.64 0.76
C PRO A 27 7.93 1.36 -0.53
N SER A 1 7.05 -0.14 -1.40
CA SER A 1 7.22 -0.16 -2.85
C SER A 1 5.92 -0.52 -3.55
N CYS A 2 4.80 -0.25 -2.88
CA CYS A 2 3.49 -0.55 -3.43
C CYS A 2 2.71 0.73 -3.70
N GLY A 3 2.37 0.95 -4.97
CA GLY A 3 1.62 2.14 -5.33
C GLY A 3 0.20 2.14 -4.79
N GLY A 4 -0.75 2.60 -5.58
CA GLY A 4 -2.13 2.63 -5.16
C GLY A 4 -2.33 3.45 -3.90
N SER A 5 -3.55 3.44 -3.38
CA SER A 5 -3.86 4.20 -2.16
C SER A 5 -5.14 3.66 -1.52
N CYS A 6 -5.35 4.03 -0.26
CA CYS A 6 -6.54 3.59 0.48
C CYS A 6 -7.82 3.98 -0.26
N PHE A 7 -7.72 4.98 -1.13
CA PHE A 7 -8.86 5.44 -1.90
C PHE A 7 -9.43 4.32 -2.75
N GLY A 8 -8.74 4.01 -3.85
CA GLY A 8 -9.19 2.95 -4.74
C GLY A 8 -8.53 1.62 -4.44
N GLY A 9 -7.98 1.50 -3.23
CA GLY A 9 -7.32 0.26 -2.85
C GLY A 9 -5.85 0.26 -3.20
N CYS A 10 -5.02 -0.20 -2.27
CA CYS A 10 -3.58 -0.25 -2.48
C CYS A 10 -3.23 -1.07 -3.71
N TRP A 11 -1.96 -1.09 -4.08
CA TRP A 11 -1.50 -1.84 -5.24
C TRP A 11 -1.97 -3.29 -5.17
N GLY A 13 -1.99 -6.98 -4.63
CA GLY A 13 -1.22 -7.91 -3.81
C GLY A 13 -0.60 -7.25 -2.60
N CYS A 14 -1.03 -6.02 -2.32
CA CYS A 14 -0.50 -5.27 -1.18
C CYS A 14 -1.61 -4.95 -0.17
N SER A 15 -1.30 -4.11 0.79
CA SER A 15 -2.27 -3.72 1.81
C SER A 15 -2.12 -2.25 2.18
N CYS A 16 -3.16 -1.69 2.79
CA CYS A 16 -3.15 -0.29 3.19
C CYS A 16 -3.15 -0.16 4.71
N TYR A 17 -2.00 0.21 5.26
CA TYR A 17 -1.87 0.36 6.71
C TYR A 17 -1.35 1.76 7.05
N ALA A 18 -2.06 2.43 7.96
CA ALA A 18 -1.67 3.76 8.38
C ALA A 18 -1.78 4.76 7.24
N ARG A 19 -2.93 4.74 6.56
CA ARG A 19 -3.16 5.64 5.43
C ARG A 19 -2.01 5.57 4.44
N THR A 20 -1.38 4.41 4.35
CA THR A 20 -0.25 4.22 3.44
C THR A 20 -0.16 2.77 2.97
N CYS A 21 0.61 2.54 1.92
CA CYS A 21 0.78 1.20 1.38
C CYS A 21 2.14 0.61 1.78
N PHE A 22 2.16 -0.69 2.04
CA PHE A 22 3.39 -1.37 2.43
C PHE A 22 3.29 -2.87 2.19
N ARG A 23 4.40 -3.48 1.78
CA ARG A 23 4.43 -4.91 1.52
C ARG A 23 5.69 -5.55 2.09
N ASP A 24 6.14 -5.02 3.23
CA ASP A 24 7.33 -5.54 3.89
C ASP A 24 8.58 -5.27 3.04
N GLY A 25 9.67 -4.90 3.71
CA GLY A 25 10.90 -4.62 3.00
C GLY A 25 11.03 -3.17 2.59
N LEU A 26 10.02 -2.66 1.89
CA LEU A 26 10.02 -1.27 1.44
C LEU A 26 8.61 -0.82 1.09
N PRO A 27 8.39 0.51 1.11
CA PRO A 27 7.09 1.10 0.80
C PRO A 27 6.73 0.97 -0.68
N SER A 1 7.13 -0.34 -1.13
CA SER A 1 7.37 -0.43 -2.56
C SER A 1 6.09 -0.80 -3.31
N CYS A 2 4.96 -0.48 -2.71
CA CYS A 2 3.66 -0.78 -3.32
C CYS A 2 2.90 0.50 -3.64
N GLY A 3 2.70 0.76 -4.93
CA GLY A 3 1.99 1.94 -5.34
C GLY A 3 0.51 1.89 -4.99
N GLY A 4 -0.33 2.38 -5.90
CA GLY A 4 -1.76 2.39 -5.66
C GLY A 4 -2.15 3.29 -4.52
N SER A 5 -3.36 3.83 -4.58
CA SER A 5 -3.86 4.73 -3.54
C SER A 5 -4.76 3.98 -2.57
N CYS A 6 -4.80 4.45 -1.32
CA CYS A 6 -5.62 3.83 -0.30
C CYS A 6 -7.09 4.20 -0.47
N PHE A 7 -7.34 5.32 -1.14
CA PHE A 7 -8.69 5.78 -1.39
C PHE A 7 -9.37 4.96 -2.49
N GLY A 8 -8.56 4.25 -3.26
CA GLY A 8 -9.09 3.44 -4.34
C GLY A 8 -8.48 2.05 -4.37
N GLY A 9 -7.96 1.61 -3.22
CA GLY A 9 -7.37 0.29 -3.13
C GLY A 9 -5.89 0.30 -3.45
N CYS A 10 -5.10 -0.36 -2.61
CA CYS A 10 -3.66 -0.42 -2.80
C CYS A 10 -3.31 -1.25 -4.03
N TRP A 11 -2.03 -1.27 -4.39
CA TRP A 11 -1.57 -2.03 -5.54
C TRP A 11 -2.00 -3.49 -5.44
N GLY A 13 -1.92 -7.18 -4.79
CA GLY A 13 -1.16 -8.06 -3.92
C GLY A 13 -0.63 -7.34 -2.69
N CYS A 14 -1.04 -6.10 -2.51
CA CYS A 14 -0.59 -5.30 -1.37
C CYS A 14 -1.74 -5.04 -0.40
N SER A 15 -1.52 -4.14 0.54
CA SER A 15 -2.53 -3.81 1.54
C SER A 15 -2.42 -2.35 1.97
N CYS A 16 -3.50 -1.80 2.51
CA CYS A 16 -3.51 -0.42 2.97
C CYS A 16 -3.35 -0.34 4.48
N TYR A 17 -2.20 0.19 4.92
CA TYR A 17 -1.92 0.33 6.34
C TYR A 17 -1.31 1.69 6.65
N ALA A 18 -1.87 2.37 7.65
CA ALA A 18 -1.40 3.67 8.05
C ALA A 18 -1.61 4.70 6.95
N ARG A 19 -2.80 4.68 6.35
CA ARG A 19 -3.14 5.60 5.27
C ARG A 19 -2.11 5.53 4.14
N THR A 20 -1.40 4.40 4.07
CA THR A 20 -0.38 4.20 3.05
C THR A 20 -0.24 2.73 2.70
N CYS A 21 0.41 2.44 1.58
CA CYS A 21 0.63 1.08 1.13
C CYS A 21 1.96 0.54 1.62
N PHE A 22 2.02 -0.75 1.90
CA PHE A 22 3.25 -1.39 2.37
C PHE A 22 3.22 -2.88 2.10
N ARG A 23 4.38 -3.44 1.76
CA ARG A 23 4.49 -4.86 1.47
C ARG A 23 5.62 -5.50 2.29
N ASP A 24 5.94 -4.89 3.43
CA ASP A 24 6.99 -5.39 4.30
C ASP A 24 8.36 -5.27 3.62
N GLY A 25 9.34 -4.77 4.37
CA GLY A 25 10.67 -4.62 3.82
C GLY A 25 10.88 -3.26 3.18
N LEU A 26 9.98 -2.88 2.29
CA LEU A 26 10.06 -1.59 1.60
C LEU A 26 8.67 -1.02 1.32
N PRO A 27 8.58 0.31 1.24
CA PRO A 27 7.32 1.01 0.97
C PRO A 27 6.83 0.78 -0.46
N SER A 1 7.81 0.58 -0.06
CA SER A 1 7.04 1.58 -0.77
C SER A 1 6.09 0.95 -1.77
N CYS A 2 4.93 1.57 -1.96
CA CYS A 2 3.93 1.06 -2.88
C CYS A 2 2.97 2.17 -3.33
N GLY A 3 2.66 2.18 -4.61
CA GLY A 3 1.75 3.19 -5.14
C GLY A 3 0.30 2.88 -4.85
N GLY A 4 -0.57 3.18 -5.82
CA GLY A 4 -1.99 2.93 -5.63
C GLY A 4 -2.58 3.76 -4.51
N SER A 5 -3.90 3.97 -4.57
CA SER A 5 -4.59 4.75 -3.56
C SER A 5 -5.29 3.84 -2.56
N CYS A 6 -5.45 4.34 -1.33
CA CYS A 6 -6.12 3.58 -0.28
C CYS A 6 -7.63 3.58 -0.46
N PHE A 7 -8.13 4.58 -1.18
CA PHE A 7 -9.56 4.70 -1.43
C PHE A 7 -10.00 3.76 -2.55
N GLY A 8 -9.03 3.28 -3.32
CA GLY A 8 -9.34 2.38 -4.42
C GLY A 8 -8.45 1.15 -4.42
N GLY A 9 -7.90 0.82 -3.26
CA GLY A 9 -7.04 -0.35 -3.15
C GLY A 9 -5.59 -0.02 -3.43
N CYS A 10 -4.70 -0.50 -2.57
CA CYS A 10 -3.27 -0.26 -2.72
C CYS A 10 -2.71 -1.02 -3.92
N TRP A 11 -1.45 -0.78 -4.23
CA TRP A 11 -0.80 -1.43 -5.35
C TRP A 11 -0.97 -2.95 -5.27
N GLY A 13 -0.29 -6.56 -4.60
CA GLY A 13 0.55 -7.31 -3.68
C GLY A 13 0.86 -6.52 -2.42
N CYS A 14 0.22 -5.36 -2.27
CA CYS A 14 0.44 -4.51 -1.11
C CYS A 14 -0.84 -4.37 -0.29
N SER A 15 -0.77 -3.56 0.76
CA SER A 15 -1.93 -3.33 1.62
C SER A 15 -1.97 -1.89 2.10
N CYS A 16 -3.14 -1.46 2.57
CA CYS A 16 -3.31 -0.10 3.06
C CYS A 16 -3.15 -0.04 4.57
N TYR A 17 -1.97 0.37 5.02
CA TYR A 17 -1.68 0.47 6.44
C TYR A 17 -1.15 1.85 6.79
N ALA A 18 -1.75 2.46 7.81
CA ALA A 18 -1.34 3.79 8.26
C ALA A 18 -1.60 4.84 7.17
N ARG A 19 -2.78 4.76 6.56
CA ARG A 19 -3.15 5.70 5.51
C ARG A 19 -2.11 5.71 4.39
N THR A 20 -1.35 4.62 4.29
CA THR A 20 -0.32 4.49 3.27
C THR A 20 -0.10 3.03 2.88
N CYS A 21 0.57 2.82 1.77
CA CYS A 21 0.85 1.47 1.29
C CYS A 21 2.24 1.02 1.70
N PHE A 22 2.32 -0.13 2.37
CA PHE A 22 3.60 -0.66 2.82
C PHE A 22 3.51 -2.17 3.03
N ARG A 23 4.56 -2.88 2.59
CA ARG A 23 4.60 -4.33 2.72
C ARG A 23 6.02 -4.81 2.97
N ASP A 24 6.16 -5.84 3.79
CA ASP A 24 7.47 -6.41 4.12
C ASP A 24 8.23 -6.77 2.85
N GLY A 25 9.48 -6.35 2.78
CA GLY A 25 10.31 -6.64 1.62
C GLY A 25 10.23 -5.55 0.57
N LEU A 26 9.16 -4.77 0.61
CA LEU A 26 8.97 -3.68 -0.35
C LEU A 26 8.47 -2.42 0.36
N PRO A 27 9.37 -1.74 1.07
CA PRO A 27 9.05 -0.51 1.79
C PRO A 27 8.77 0.66 0.86
N SER A 1 6.85 -0.29 -1.32
CA SER A 1 7.04 -0.28 -2.77
C SER A 1 5.74 -0.62 -3.49
N CYS A 2 4.62 -0.31 -2.85
CA CYS A 2 3.30 -0.58 -3.43
C CYS A 2 2.55 0.71 -3.70
N GLY A 3 2.20 0.93 -4.96
CA GLY A 3 1.47 2.14 -5.33
C GLY A 3 0.07 2.17 -4.75
N GLY A 4 -0.88 2.65 -5.55
CA GLY A 4 -2.26 2.73 -5.10
C GLY A 4 -2.41 3.55 -3.83
N SER A 5 -3.61 3.56 -3.27
CA SER A 5 -3.89 4.31 -2.05
C SER A 5 -5.15 3.79 -1.37
N CYS A 6 -5.32 4.17 -0.10
CA CYS A 6 -6.48 3.75 0.67
C CYS A 6 -7.78 4.14 -0.04
N PHE A 7 -7.69 5.13 -0.92
CA PHE A 7 -8.86 5.59 -1.67
C PHE A 7 -9.46 4.46 -2.49
N GLY A 8 -8.81 4.13 -3.60
CA GLY A 8 -9.29 3.08 -4.46
C GLY A 8 -8.63 1.75 -4.17
N GLY A 9 -8.04 1.62 -2.98
CA GLY A 9 -7.37 0.39 -2.60
C GLY A 9 -5.91 0.37 -2.99
N CYS A 10 -5.06 -0.08 -2.07
CA CYS A 10 -3.63 -0.15 -2.32
C CYS A 10 -3.33 -0.98 -3.56
N TRP A 11 -2.06 -1.02 -3.96
CA TRP A 11 -1.65 -1.79 -5.13
C TRP A 11 -2.16 -3.22 -5.05
N GLY A 13 -2.28 -6.91 -4.52
CA GLY A 13 -1.55 -7.87 -3.71
C GLY A 13 -0.88 -7.22 -2.52
N CYS A 14 -1.27 -5.99 -2.22
CA CYS A 14 -0.71 -5.26 -1.09
C CYS A 14 -1.79 -4.91 -0.07
N SER A 15 -1.44 -4.07 0.90
CA SER A 15 -2.38 -3.65 1.93
C SER A 15 -2.18 -2.18 2.29
N CYS A 16 -3.20 -1.59 2.91
CA CYS A 16 -3.14 -0.19 3.30
C CYS A 16 -3.12 -0.05 4.83
N TYR A 17 -1.94 0.27 5.37
CA TYR A 17 -1.79 0.42 6.81
C TYR A 17 -1.23 1.80 7.15
N ALA A 18 -1.90 2.50 8.06
CA ALA A 18 -1.47 3.83 8.48
C ALA A 18 -1.57 4.82 7.32
N ARG A 19 -2.72 4.83 6.65
CA ARG A 19 -2.94 5.73 5.53
C ARG A 19 -1.80 5.63 4.51
N THR A 20 -1.19 4.45 4.44
CA THR A 20 -0.09 4.23 3.51
C THR A 20 -0.04 2.77 3.06
N CYS A 21 0.72 2.51 2.00
CA CYS A 21 0.85 1.16 1.47
C CYS A 21 2.19 0.55 1.86
N PHE A 22 2.21 -0.76 2.05
CA PHE A 22 3.42 -1.47 2.43
C PHE A 22 3.32 -2.96 2.11
N ARG A 23 4.42 -3.55 1.66
CA ARG A 23 4.46 -4.96 1.32
C ARG A 23 5.66 -5.65 1.95
N ASP A 24 6.12 -5.12 3.07
CA ASP A 24 7.27 -5.68 3.77
C ASP A 24 8.55 -5.52 2.95
N GLY A 25 9.62 -5.08 3.60
CA GLY A 25 10.88 -4.89 2.92
C GLY A 25 11.03 -3.50 2.36
N LEU A 26 10.03 -3.05 1.60
CA LEU A 26 10.06 -1.72 1.00
C LEU A 26 8.65 -1.14 0.91
N PRO A 27 8.56 0.20 0.92
CA PRO A 27 7.28 0.91 0.84
C PRO A 27 6.64 0.79 -0.53
N SER A 1 6.34 -0.35 0.98
CA SER A 1 6.47 0.55 -0.16
C SER A 1 5.73 -0.01 -1.38
N CYS A 2 4.60 0.60 -1.70
CA CYS A 2 3.80 0.16 -2.84
C CYS A 2 3.18 1.37 -3.56
N GLY A 3 2.26 1.08 -4.47
CA GLY A 3 1.61 2.15 -5.21
C GLY A 3 0.10 2.17 -5.01
N GLY A 4 -0.63 2.59 -6.04
CA GLY A 4 -2.07 2.65 -5.95
C GLY A 4 -2.55 3.63 -4.89
N SER A 5 -3.86 3.71 -4.69
CA SER A 5 -4.44 4.62 -3.71
C SER A 5 -5.14 3.84 -2.60
N CYS A 6 -5.20 4.43 -1.41
CA CYS A 6 -5.84 3.80 -0.27
C CYS A 6 -7.36 3.95 -0.35
N PHE A 7 -7.81 4.96 -1.08
CA PHE A 7 -9.23 5.22 -1.23
C PHE A 7 -9.89 4.15 -2.11
N GLY A 8 -9.07 3.42 -2.86
CA GLY A 8 -9.59 2.38 -3.73
C GLY A 8 -8.79 1.09 -3.62
N GLY A 9 -8.11 0.92 -2.50
CA GLY A 9 -7.32 -0.28 -2.29
C GLY A 9 -5.90 -0.14 -2.78
N CYS A 10 -4.94 -0.56 -1.97
CA CYS A 10 -3.53 -0.47 -2.33
C CYS A 10 -3.22 -1.35 -3.54
N TRP A 11 -2.00 -1.23 -4.05
CA TRP A 11 -1.58 -2.01 -5.22
C TRP A 11 -1.88 -3.50 -5.01
N GLY A 13 -1.44 -7.11 -4.19
CA GLY A 13 -0.54 -7.89 -3.33
C GLY A 13 0.02 -7.06 -2.20
N CYS A 14 -0.55 -5.87 -1.98
CA CYS A 14 -0.09 -4.98 -0.92
C CYS A 14 -1.23 -4.67 0.05
N SER A 15 -0.95 -3.80 1.02
CA SER A 15 -1.95 -3.41 2.01
C SER A 15 -1.82 -1.93 2.36
N CYS A 16 -2.90 -1.35 2.87
CA CYS A 16 -2.91 0.05 3.25
C CYS A 16 -2.67 0.21 4.74
N TYR A 17 -1.90 1.22 5.12
CA TYR A 17 -1.60 1.48 6.53
C TYR A 17 -1.12 2.91 6.72
N ALA A 18 -1.74 3.61 7.68
CA ALA A 18 -1.36 4.99 7.97
C ALA A 18 -1.42 5.85 6.71
N ARG A 19 -2.54 5.77 5.99
CA ARG A 19 -2.72 6.54 4.78
C ARG A 19 -1.63 6.21 3.76
N THR A 20 -0.98 5.06 3.94
CA THR A 20 0.08 4.63 3.04
C THR A 20 -0.12 3.18 2.62
N CYS A 21 0.89 2.62 1.96
CA CYS A 21 0.83 1.24 1.49
C CYS A 21 1.95 0.41 2.10
N PHE A 22 2.01 -0.87 1.73
CA PHE A 22 3.04 -1.76 2.24
C PHE A 22 3.19 -2.98 1.33
N ARG A 23 4.43 -3.41 1.13
CA ARG A 23 4.71 -4.56 0.28
C ARG A 23 5.62 -5.56 1.00
N ASP A 24 6.12 -6.54 0.25
CA ASP A 24 7.00 -7.56 0.82
C ASP A 24 8.46 -7.13 0.75
N GLY A 25 9.10 -7.04 1.91
CA GLY A 25 10.49 -6.63 1.95
C GLY A 25 10.65 -5.14 2.12
N LEU A 26 9.60 -4.39 1.79
CA LEU A 26 9.63 -2.94 1.90
C LEU A 26 8.27 -2.40 2.33
N PRO A 27 8.27 -1.21 2.95
CA PRO A 27 7.04 -0.56 3.43
C PRO A 27 6.17 -0.06 2.28
N SER A 1 6.47 -0.33 0.75
CA SER A 1 6.60 0.49 -0.45
C SER A 1 5.75 -0.09 -1.59
N CYS A 2 4.57 0.49 -1.78
CA CYS A 2 3.66 0.02 -2.83
C CYS A 2 2.83 1.19 -3.37
N GLY A 3 2.62 1.19 -4.68
CA GLY A 3 1.85 2.24 -5.31
C GLY A 3 0.36 2.11 -5.04
N GLY A 4 -0.45 2.42 -6.05
CA GLY A 4 -1.89 2.33 -5.88
C GLY A 4 -2.43 3.30 -4.86
N SER A 5 -3.73 3.55 -4.89
CA SER A 5 -4.36 4.46 -3.95
C SER A 5 -5.03 3.71 -2.81
N CYS A 6 -5.18 4.39 -1.67
CA CYS A 6 -5.79 3.78 -0.50
C CYS A 6 -7.31 3.89 -0.56
N PHE A 7 -7.79 4.85 -1.34
CA PHE A 7 -9.23 5.06 -1.50
C PHE A 7 -9.85 3.99 -2.38
N GLY A 8 -9.01 3.30 -3.13
CA GLY A 8 -9.50 2.25 -4.01
C GLY A 8 -8.68 0.97 -3.90
N GLY A 9 -8.02 0.80 -2.75
CA GLY A 9 -7.22 -0.39 -2.54
C GLY A 9 -5.79 -0.22 -3.01
N CYS A 10 -4.84 -0.58 -2.15
CA CYS A 10 -3.43 -0.45 -2.47
C CYS A 10 -3.06 -1.34 -3.67
N TRP A 11 -1.80 -1.27 -4.08
CA TRP A 11 -1.32 -2.07 -5.21
C TRP A 11 -1.69 -3.54 -5.03
N GLY A 13 -1.42 -7.17 -4.20
CA GLY A 13 -0.61 -7.97 -3.31
C GLY A 13 -0.07 -7.18 -2.15
N CYS A 14 -0.58 -5.96 -1.97
CA CYS A 14 -0.14 -5.09 -0.89
C CYS A 14 -1.31 -4.68 0.00
N SER A 15 -1.04 -3.82 0.97
CA SER A 15 -2.07 -3.36 1.89
C SER A 15 -1.89 -1.88 2.22
N CYS A 16 -2.93 -1.27 2.76
CA CYS A 16 -2.89 0.14 3.13
C CYS A 16 -2.67 0.32 4.62
N TYR A 17 -1.90 1.33 5.00
CA TYR A 17 -1.61 1.61 6.40
C TYR A 17 -1.14 3.04 6.59
N ALA A 18 -1.78 3.75 7.52
CA ALA A 18 -1.42 5.14 7.80
C ALA A 18 -1.46 5.98 6.52
N ARG A 19 -2.57 5.90 5.79
CA ARG A 19 -2.73 6.65 4.56
C ARG A 19 -1.62 6.30 3.57
N THR A 20 -0.98 5.15 3.78
CA THR A 20 0.09 4.71 2.90
C THR A 20 -0.09 3.25 2.50
N CYS A 21 0.93 2.68 1.87
CA CYS A 21 0.88 1.28 1.43
C CYS A 21 2.03 0.48 2.03
N PHE A 22 2.08 -0.81 1.71
CA PHE A 22 3.12 -1.68 2.21
C PHE A 22 3.25 -2.93 1.35
N ARG A 23 4.49 -3.37 1.13
CA ARG A 23 4.75 -4.55 0.31
C ARG A 23 5.63 -5.54 1.06
N ASP A 24 6.11 -6.55 0.35
CA ASP A 24 6.97 -7.58 0.95
C ASP A 24 8.43 -7.17 0.87
N GLY A 25 9.07 -7.05 2.03
CA GLY A 25 10.47 -6.66 2.07
C GLY A 25 10.66 -5.16 2.17
N LEU A 26 9.62 -4.41 1.80
CA LEU A 26 9.68 -2.95 1.84
C LEU A 26 8.33 -2.37 2.23
N PRO A 27 8.34 -1.14 2.78
CA PRO A 27 7.12 -0.45 3.20
C PRO A 27 6.27 -0.01 2.01
N SER A 1 7.45 -0.20 -1.12
CA SER A 1 7.39 0.29 -2.49
C SER A 1 6.14 -0.26 -3.20
N CYS A 2 5.06 0.50 -3.17
CA CYS A 2 3.82 0.09 -3.83
C CYS A 2 2.95 1.30 -4.14
N GLY A 3 2.48 1.38 -5.38
CA GLY A 3 1.64 2.49 -5.79
C GLY A 3 0.19 2.29 -5.38
N GLY A 4 -0.73 2.73 -6.25
CA GLY A 4 -2.14 2.59 -5.95
C GLY A 4 -2.59 3.51 -4.83
N SER A 5 -3.86 3.92 -4.88
CA SER A 5 -4.40 4.81 -3.86
C SER A 5 -5.19 4.01 -2.82
N CYS A 6 -5.24 4.55 -1.60
CA CYS A 6 -5.96 3.89 -0.51
C CYS A 6 -7.46 4.03 -0.69
N PHE A 7 -7.88 5.05 -1.44
CA PHE A 7 -9.29 5.29 -1.68
C PHE A 7 -9.82 4.34 -2.76
N GLY A 8 -8.92 3.73 -3.51
CA GLY A 8 -9.32 2.81 -4.56
C GLY A 8 -8.54 1.52 -4.51
N GLY A 9 -7.95 1.22 -3.37
CA GLY A 9 -7.17 0.00 -3.22
C GLY A 9 -5.72 0.20 -3.57
N CYS A 10 -4.83 -0.35 -2.74
CA CYS A 10 -3.39 -0.24 -2.97
C CYS A 10 -2.96 -1.08 -4.16
N TRP A 11 -1.69 -0.94 -4.55
CA TRP A 11 -1.16 -1.70 -5.67
C TRP A 11 -1.43 -3.19 -5.50
N GLY A 13 -0.94 -6.88 -4.76
CA GLY A 13 -0.10 -7.63 -3.85
C GLY A 13 0.28 -6.86 -2.61
N CYS A 14 -0.35 -5.69 -2.43
CA CYS A 14 -0.08 -4.85 -1.28
C CYS A 14 -1.36 -4.56 -0.51
N SER A 15 -1.25 -3.72 0.53
CA SER A 15 -2.41 -3.36 1.34
C SER A 15 -2.31 -1.91 1.80
N CYS A 16 -3.43 -1.36 2.27
CA CYS A 16 -3.48 0.01 2.73
C CYS A 16 -3.33 0.07 4.25
N TYR A 17 -2.21 0.61 4.71
CA TYR A 17 -1.94 0.72 6.14
C TYR A 17 -1.37 2.09 6.47
N ALA A 18 -1.98 2.76 7.45
CA ALA A 18 -1.52 4.08 7.87
C ALA A 18 -1.72 5.10 6.76
N ARG A 19 -2.87 5.06 6.11
CA ARG A 19 -3.18 5.98 5.03
C ARG A 19 -2.11 5.91 3.93
N THR A 20 -1.38 4.80 3.89
CA THR A 20 -0.34 4.60 2.90
C THR A 20 -0.15 3.13 2.58
N CYS A 21 0.54 2.85 1.47
CA CYS A 21 0.78 1.47 1.05
C CYS A 21 2.09 0.95 1.64
N PHE A 22 2.07 -0.31 2.08
CA PHE A 22 3.25 -0.93 2.67
C PHE A 22 3.18 -2.45 2.57
N ARG A 23 4.31 -3.08 2.35
CA ARG A 23 4.38 -4.54 2.25
C ARG A 23 5.66 -5.08 2.85
N ASP A 24 5.67 -6.37 3.16
CA ASP A 24 6.84 -7.02 3.75
C ASP A 24 8.09 -6.71 2.93
N GLY A 25 9.19 -6.42 3.63
CA GLY A 25 10.44 -6.12 2.96
C GLY A 25 10.63 -4.64 2.71
N LEU A 26 9.64 -4.01 2.08
CA LEU A 26 9.70 -2.59 1.79
C LEU A 26 8.31 -2.04 1.48
N PRO A 27 8.17 -0.70 1.59
CA PRO A 27 6.89 -0.03 1.32
C PRO A 27 6.51 -0.05 -0.16
N SER A 1 6.32 -0.08 0.73
CA SER A 1 6.44 0.72 -0.49
C SER A 1 5.64 0.10 -1.63
N CYS A 2 4.41 0.55 -1.80
CA CYS A 2 3.55 0.03 -2.85
C CYS A 2 2.71 1.15 -3.47
N GLY A 3 2.61 1.15 -4.79
CA GLY A 3 1.85 2.18 -5.48
C GLY A 3 0.36 2.06 -5.21
N GLY A 4 -0.44 2.30 -6.25
CA GLY A 4 -1.89 2.22 -6.11
C GLY A 4 -2.42 3.20 -5.09
N SER A 5 -3.74 3.41 -5.11
CA SER A 5 -4.38 4.35 -4.19
C SER A 5 -5.05 3.60 -3.03
N CYS A 6 -5.16 4.26 -1.89
CA CYS A 6 -5.79 3.66 -0.72
C CYS A 6 -7.30 3.80 -0.78
N PHE A 7 -7.78 4.77 -1.55
CA PHE A 7 -9.21 5.01 -1.69
C PHE A 7 -9.84 3.96 -2.60
N GLY A 8 -9.01 3.27 -3.37
CA GLY A 8 -9.50 2.25 -4.28
C GLY A 8 -8.73 0.95 -4.17
N GLY A 9 -8.09 0.74 -3.02
CA GLY A 9 -7.32 -0.47 -2.82
C GLY A 9 -5.88 -0.31 -3.24
N CYS A 10 -4.95 -0.69 -2.35
CA CYS A 10 -3.53 -0.60 -2.65
C CYS A 10 -3.15 -1.51 -3.81
N TRP A 11 -1.89 -1.42 -4.24
CA TRP A 11 -1.40 -2.23 -5.34
C TRP A 11 -1.72 -3.70 -5.11
N GLY A 13 -1.37 -7.35 -4.20
CA GLY A 13 -0.55 -8.10 -3.29
C GLY A 13 -0.07 -7.27 -2.11
N CYS A 14 -0.60 -6.05 -2.00
CA CYS A 14 -0.23 -5.16 -0.91
C CYS A 14 -1.45 -4.80 -0.06
N SER A 15 -1.25 -3.91 0.90
CA SER A 15 -2.33 -3.49 1.79
C SER A 15 -2.17 -2.01 2.17
N CYS A 16 -3.26 -1.42 2.63
CA CYS A 16 -3.25 -0.01 3.03
C CYS A 16 -3.22 0.12 4.55
N TYR A 17 -2.13 0.65 5.07
CA TYR A 17 -1.97 0.82 6.52
C TYR A 17 -1.21 2.12 6.82
N ALA A 18 -1.71 2.87 7.81
CA ALA A 18 -1.08 4.12 8.21
C ALA A 18 -1.19 5.16 7.10
N ARG A 19 -2.37 5.27 6.51
CA ARG A 19 -2.61 6.24 5.43
C ARG A 19 -1.59 6.05 4.31
N THR A 20 -1.02 4.85 4.23
CA THR A 20 -0.03 4.54 3.21
C THR A 20 -0.06 3.06 2.86
N CYS A 21 0.57 2.72 1.72
CA CYS A 21 0.62 1.33 1.27
C CYS A 21 1.79 0.60 1.91
N PHE A 22 1.89 -0.70 1.63
CA PHE A 22 2.97 -1.51 2.16
C PHE A 22 3.16 -2.78 1.34
N ARG A 23 4.41 -3.19 1.17
CA ARG A 23 4.73 -4.39 0.40
C ARG A 23 5.71 -5.28 1.16
N ASP A 24 6.24 -6.29 0.46
CA ASP A 24 7.19 -7.22 1.07
C ASP A 24 8.62 -6.70 0.93
N GLY A 25 9.30 -6.56 2.06
CA GLY A 25 10.68 -6.07 2.03
C GLY A 25 10.75 -4.57 2.17
N LEU A 26 9.66 -3.89 1.87
CA LEU A 26 9.62 -2.43 1.95
C LEU A 26 8.19 -1.94 2.23
N PRO A 27 8.09 -0.76 2.87
CA PRO A 27 6.79 -0.17 3.20
C PRO A 27 6.04 0.31 1.97
N SER A 1 6.75 0.05 0.35
CA SER A 1 6.70 0.80 -0.90
C SER A 1 5.76 0.12 -1.90
N CYS A 2 4.65 0.78 -2.20
CA CYS A 2 3.68 0.23 -3.14
C CYS A 2 2.77 1.34 -3.68
N GLY A 3 2.60 1.37 -5.00
CA GLY A 3 1.75 2.38 -5.61
C GLY A 3 0.28 2.20 -5.25
N GLY A 4 -0.59 2.45 -6.22
CA GLY A 4 -2.02 2.32 -5.97
C GLY A 4 -2.53 3.31 -4.95
N SER A 5 -3.82 3.59 -4.98
CA SER A 5 -4.43 4.52 -4.04
C SER A 5 -5.13 3.78 -2.91
N CYS A 6 -5.17 4.40 -1.74
CA CYS A 6 -5.82 3.80 -0.57
C CYS A 6 -7.33 3.94 -0.66
N PHE A 7 -7.79 4.93 -1.41
CA PHE A 7 -9.22 5.17 -1.58
C PHE A 7 -9.84 4.14 -2.51
N GLY A 8 -9.00 3.45 -3.27
CA GLY A 8 -9.49 2.43 -4.19
C GLY A 8 -8.71 1.14 -4.10
N GLY A 9 -8.04 0.93 -2.96
CA GLY A 9 -7.27 -0.28 -2.77
C GLY A 9 -5.83 -0.12 -3.21
N CYS A 10 -4.90 -0.55 -2.37
CA CYS A 10 -3.48 -0.45 -2.69
C CYS A 10 -3.13 -1.33 -3.89
N TRP A 11 -1.89 -1.22 -4.36
CA TRP A 11 -1.43 -2.01 -5.50
C TRP A 11 -1.73 -3.49 -5.29
N GLY A 13 -1.35 -7.15 -4.46
CA GLY A 13 -0.49 -7.92 -3.56
C GLY A 13 -0.03 -7.10 -2.37
N CYS A 14 -0.55 -5.89 -2.24
CA CYS A 14 -0.18 -5.01 -1.14
C CYS A 14 -1.39 -4.70 -0.26
N SER A 15 -1.19 -3.84 0.73
CA SER A 15 -2.26 -3.47 1.64
C SER A 15 -2.13 -2.01 2.06
N CYS A 16 -3.25 -1.41 2.48
CA CYS A 16 -3.26 -0.03 2.91
C CYS A 16 -3.27 0.08 4.43
N TYR A 17 -2.14 0.49 4.99
CA TYR A 17 -2.00 0.63 6.44
C TYR A 17 -1.31 1.94 6.80
N ALA A 18 -1.90 2.67 7.73
CA ALA A 18 -1.34 3.95 8.18
C ALA A 18 -1.43 5.00 7.07
N ARG A 19 -2.58 5.05 6.41
CA ARG A 19 -2.79 6.01 5.33
C ARG A 19 -1.74 5.85 4.24
N THR A 20 -1.11 4.68 4.21
CA THR A 20 -0.07 4.40 3.22
C THR A 20 0.00 2.91 2.90
N CYS A 21 0.61 2.58 1.78
CA CYS A 21 0.74 1.18 1.36
C CYS A 21 1.92 0.52 2.06
N PHE A 22 2.01 -0.80 1.93
CA PHE A 22 3.09 -1.56 2.55
C PHE A 22 3.25 -2.91 1.88
N ARG A 23 4.51 -3.36 1.76
CA ARG A 23 4.81 -4.64 1.13
C ARG A 23 5.97 -5.33 1.84
N ASP A 24 6.46 -6.40 1.23
CA ASP A 24 7.57 -7.16 1.80
C ASP A 24 8.91 -6.47 1.51
N GLY A 25 9.73 -6.33 2.56
CA GLY A 25 11.02 -5.68 2.39
C GLY A 25 10.96 -4.18 2.66
N LEU A 26 9.85 -3.56 2.26
CA LEU A 26 9.67 -2.13 2.45
C LEU A 26 8.19 -1.75 2.36
N PRO A 27 7.85 -0.56 2.88
CA PRO A 27 6.48 -0.05 2.88
C PRO A 27 6.02 0.32 1.47
#